data_9JWA
#
_entry.id   9JWA
#
_cell.length_a   81.050
_cell.length_b   81.050
_cell.length_c   104.569
_cell.angle_alpha   90.00
_cell.angle_beta   90.00
_cell.angle_gamma   90.00
#
_symmetry.space_group_name_H-M   'P 43'
#
loop_
_entity.id
_entity.type
_entity.pdbx_description
1 polymer 'DUF1150 domain-containing protein'
2 polymer 'Lon protease'
3 water water
#
loop_
_entity_poly.entity_id
_entity_poly.type
_entity_poly.pdbx_seq_one_letter_code
_entity_poly.pdbx_strand_id
1 'polypeptide(L)'
;HHHHHHHTPSTQHSRPLTSEAFAALGAPALVYVRPIKAAEILADAPEGVEDLDLSPDQTLYAVCRADGERLAVLIDRDTA
IAAALAHELAPVSVH
;
A,C
2 'polypeptide(L)'
;SELRTLPVLPLRDIVVFPHMVVPLFVGRDKSVRALEEVMRGDKQILLVTQKNSADDDPAPGDIFEVGVLATVLQLLKLPD
GTVKVLVEGKARAAVVSFTDQESYYEAQIGEVSEDDGAGPEAEALSRAVVEQFENYVKLNKKVPPEALASIPQIAEPGKL
ADSIAAHLSVKIGDKQNLLEIFDVVKRLEKVFALMEGEISVLQVEK
;
B,D
#
# COMPACT_ATOMS: atom_id res chain seq x y z
N SER A 14 -11.48 10.51 -27.80
CA SER A 14 -12.39 9.52 -27.15
C SER A 14 -13.82 9.73 -27.65
N ARG A 15 -14.64 10.43 -26.86
CA ARG A 15 -16.11 10.38 -26.90
C ARG A 15 -16.60 8.94 -26.97
N PRO A 16 -16.65 8.27 -25.80
CA PRO A 16 -16.98 6.85 -25.74
C PRO A 16 -18.39 6.39 -26.05
N LEU A 17 -19.38 7.29 -25.91
CA LEU A 17 -20.79 6.96 -26.09
C LEU A 17 -21.38 7.80 -27.23
N THR A 18 -22.51 7.35 -27.78
CA THR A 18 -23.29 8.20 -28.65
C THR A 18 -24.17 9.10 -27.79
N SER A 19 -24.67 10.18 -28.40
CA SER A 19 -25.48 11.17 -27.72
C SER A 19 -26.65 10.53 -26.98
N GLU A 20 -27.36 9.57 -27.61
CA GLU A 20 -28.49 8.97 -26.92
C GLU A 20 -27.96 8.19 -25.71
N ALA A 21 -26.89 7.41 -25.94
CA ALA A 21 -26.37 6.54 -24.89
C ALA A 21 -25.94 7.40 -23.71
N PHE A 22 -25.31 8.56 -24.01
CA PHE A 22 -24.78 9.46 -23.00
C PHE A 22 -25.94 10.14 -22.23
N ALA A 23 -27.03 10.47 -22.94
CA ALA A 23 -28.19 11.09 -22.31
C ALA A 23 -28.91 10.07 -21.44
N ALA A 24 -29.07 8.84 -21.95
CA ALA A 24 -29.63 7.73 -21.20
C ALA A 24 -28.77 7.37 -19.98
N LEU A 25 -27.44 7.56 -20.09
CA LEU A 25 -26.53 6.98 -19.11
C LEU A 25 -26.99 7.30 -17.68
N GLY A 26 -27.24 6.23 -16.91
CA GLY A 26 -27.58 6.34 -15.52
C GLY A 26 -28.89 5.60 -15.25
N ALA A 27 -29.73 5.46 -16.28
CA ALA A 27 -30.94 4.64 -16.17
C ALA A 27 -30.59 3.26 -15.57
N PRO A 28 -31.53 2.69 -14.77
CA PRO A 28 -32.82 3.36 -14.51
C PRO A 28 -32.91 4.12 -13.19
N ALA A 29 -31.85 4.08 -12.38
CA ALA A 29 -31.92 4.41 -10.98
C ALA A 29 -31.12 5.66 -10.63
N LEU A 30 -30.12 6.05 -11.44
CA LEU A 30 -29.32 7.21 -11.13
C LEU A 30 -30.15 8.50 -11.24
N VAL A 31 -30.29 9.23 -10.12
CA VAL A 31 -30.90 10.54 -10.17
C VAL A 31 -29.96 11.56 -9.55
N TYR A 32 -30.08 12.83 -9.93
CA TYR A 32 -29.31 13.88 -9.26
C TYR A 32 -30.26 14.83 -8.51
N VAL A 33 -29.68 15.51 -7.52
CA VAL A 33 -30.49 16.36 -6.67
C VAL A 33 -29.90 17.75 -6.76
N ARG A 34 -30.74 18.74 -6.99
CA ARG A 34 -30.19 20.07 -7.24
C ARG A 34 -31.11 21.10 -6.63
N PRO A 35 -30.56 22.29 -6.28
CA PRO A 35 -31.38 23.36 -5.76
C PRO A 35 -32.37 23.79 -6.83
N ILE A 36 -33.54 24.27 -6.36
CA ILE A 36 -34.49 24.97 -7.22
C ILE A 36 -34.34 26.47 -6.96
N LYS A 37 -34.07 27.25 -8.02
CA LYS A 37 -33.95 28.69 -7.83
C LYS A 37 -35.35 29.34 -7.92
N ALA A 38 -35.50 30.50 -7.28
CA ALA A 38 -36.80 31.17 -7.24
C ALA A 38 -37.38 31.34 -8.66
N ALA A 39 -36.50 31.50 -9.65
CA ALA A 39 -36.92 31.58 -11.04
C ALA A 39 -37.75 30.37 -11.45
N GLU A 40 -37.34 29.09 -11.17
CA GLU A 40 -38.11 27.89 -11.53
C GLU A 40 -39.41 27.80 -10.73
N ILE A 41 -39.38 28.31 -9.51
CA ILE A 41 -40.56 28.26 -8.68
C ILE A 41 -41.66 29.09 -9.33
N LEU A 42 -41.26 30.27 -9.89
CA LEU A 42 -42.26 31.17 -10.45
C LEU A 42 -42.83 30.57 -11.73
N ALA A 43 -41.99 29.81 -12.46
CA ALA A 43 -42.51 29.25 -13.71
C ALA A 43 -43.55 28.18 -13.42
N ASP A 44 -43.32 27.43 -12.33
CA ASP A 44 -44.19 26.32 -12.01
C ASP A 44 -45.50 26.83 -11.43
N ALA A 45 -45.55 28.07 -10.92
CA ALA A 45 -46.75 28.48 -10.24
C ALA A 45 -47.18 29.88 -10.67
N PRO A 46 -47.71 30.02 -11.91
CA PRO A 46 -48.17 31.31 -12.44
C PRO A 46 -49.28 32.02 -11.69
N GLU A 47 -50.04 31.29 -10.88
CA GLU A 47 -51.07 31.91 -10.04
C GLU A 47 -50.56 32.34 -8.65
N GLY A 48 -49.25 32.20 -8.34
CA GLY A 48 -48.81 32.67 -7.03
C GLY A 48 -47.89 31.67 -6.30
N VAL A 49 -46.87 32.22 -5.62
CA VAL A 49 -46.02 31.47 -4.70
C VAL A 49 -45.97 32.17 -3.34
N GLU A 50 -45.38 31.51 -2.33
CA GLU A 50 -45.11 32.15 -1.05
C GLU A 50 -43.98 33.16 -1.17
N ASP A 51 -44.01 34.26 -0.42
CA ASP A 51 -42.84 35.12 -0.30
C ASP A 51 -41.62 34.38 0.22
N LEU A 52 -41.85 33.37 1.08
CA LEU A 52 -40.79 32.51 1.55
C LEU A 52 -40.05 31.84 0.38
N ASP A 53 -40.75 31.61 -0.73
CA ASP A 53 -40.03 30.98 -1.82
C ASP A 53 -39.04 31.94 -2.48
N LEU A 54 -39.12 33.23 -2.18
CA LEU A 54 -38.21 34.17 -2.80
C LEU A 54 -37.02 34.48 -1.88
N SER A 55 -37.00 33.87 -0.70
CA SER A 55 -36.00 34.19 0.30
C SER A 55 -34.84 33.19 0.26
N PRO A 56 -33.60 33.59 0.67
CA PRO A 56 -32.53 32.60 0.90
C PRO A 56 -32.75 31.61 2.05
N ASP A 57 -33.70 31.93 2.94
CA ASP A 57 -34.08 31.13 4.12
C ASP A 57 -34.73 29.78 3.76
N GLN A 58 -35.10 29.59 2.49
CA GLN A 58 -35.64 28.34 1.99
C GLN A 58 -34.83 27.92 0.76
N THR A 59 -34.45 26.66 0.67
CA THR A 59 -33.92 26.16 -0.59
C THR A 59 -34.55 24.81 -0.85
N LEU A 60 -35.52 24.82 -1.77
CA LEU A 60 -36.18 23.60 -2.22
C LEU A 60 -35.20 22.81 -3.10
N TYR A 61 -35.34 21.48 -3.13
CA TYR A 61 -34.51 20.66 -3.99
C TYR A 61 -35.35 19.84 -4.96
N ALA A 62 -34.84 19.62 -6.18
CA ALA A 62 -35.49 18.75 -7.13
C ALA A 62 -34.69 17.45 -7.24
N VAL A 63 -35.41 16.33 -7.43
CA VAL A 63 -34.72 15.14 -7.79
C VAL A 63 -35.02 14.90 -9.28
N CYS A 64 -33.94 14.67 -10.06
CA CYS A 64 -34.01 14.58 -11.51
C CYS A 64 -33.38 13.27 -11.98
N ARG A 65 -34.10 12.64 -12.93
CA ARG A 65 -33.58 11.54 -13.75
C ARG A 65 -32.30 11.98 -14.47
N ALA A 66 -31.49 10.98 -14.83
CA ALA A 66 -30.15 11.14 -15.36
C ALA A 66 -30.20 11.86 -16.70
N ASP A 67 -31.36 11.91 -17.35
CA ASP A 67 -31.52 12.67 -18.58
C ASP A 67 -32.12 14.06 -18.33
N GLY A 68 -32.26 14.48 -17.07
CA GLY A 68 -32.67 15.85 -16.76
C GLY A 68 -34.14 16.00 -16.35
N GLU A 69 -34.97 14.98 -16.61
CA GLU A 69 -36.38 15.06 -16.30
C GLU A 69 -36.64 15.09 -14.78
N ARG A 70 -37.36 16.11 -14.35
CA ARG A 70 -37.58 16.34 -12.93
C ARG A 70 -38.58 15.34 -12.38
N LEU A 71 -38.24 14.65 -11.28
CA LEU A 71 -39.15 13.64 -10.74
C LEU A 71 -39.97 14.19 -9.58
N ALA A 72 -39.38 15.05 -8.77
CA ALA A 72 -39.99 15.39 -7.50
C ALA A 72 -39.34 16.65 -6.95
N VAL A 73 -40.06 17.30 -6.04
CA VAL A 73 -39.66 18.53 -5.39
C VAL A 73 -39.83 18.28 -3.91
N LEU A 74 -38.75 18.52 -3.15
CA LEU A 74 -38.74 18.32 -1.71
C LEU A 74 -38.29 19.60 -1.01
N ILE A 75 -38.44 19.59 0.32
CA ILE A 75 -38.34 20.81 1.09
C ILE A 75 -36.86 21.22 1.15
N ASP A 76 -35.94 20.25 1.23
CA ASP A 76 -34.52 20.52 1.32
C ASP A 76 -33.74 19.33 0.76
N ARG A 77 -32.41 19.46 0.78
CA ARG A 77 -31.49 18.55 0.13
C ARG A 77 -31.58 17.19 0.81
N ASP A 78 -31.61 17.16 2.14
CA ASP A 78 -31.61 15.89 2.85
C ASP A 78 -32.91 15.12 2.57
N THR A 79 -34.02 15.83 2.45
CA THR A 79 -35.29 15.21 2.21
C THR A 79 -35.30 14.68 0.79
N ALA A 80 -34.72 15.46 -0.13
CA ALA A 80 -34.62 15.01 -1.51
C ALA A 80 -33.77 13.73 -1.54
N ILE A 81 -32.63 13.72 -0.84
CA ILE A 81 -31.79 12.55 -0.87
C ILE A 81 -32.55 11.36 -0.26
N ALA A 82 -33.23 11.57 0.88
CA ALA A 82 -33.95 10.47 1.53
C ALA A 82 -35.13 10.00 0.67
N ALA A 83 -35.88 10.97 0.10
CA ALA A 83 -36.97 10.57 -0.76
C ALA A 83 -36.46 9.69 -1.91
N ALA A 84 -35.30 10.00 -2.49
CA ALA A 84 -34.85 9.23 -3.63
C ALA A 84 -34.53 7.80 -3.17
N LEU A 85 -33.73 7.67 -2.09
CA LEU A 85 -33.43 6.34 -1.57
C LEU A 85 -34.69 5.56 -1.21
N ALA A 86 -35.72 6.22 -0.65
CA ALA A 86 -36.96 5.55 -0.25
C ALA A 86 -37.75 5.01 -1.45
N HIS A 87 -37.41 5.48 -2.66
CA HIS A 87 -38.07 5.06 -3.88
C HIS A 87 -37.14 4.24 -4.76
N GLU A 88 -36.11 3.63 -4.17
CA GLU A 88 -35.19 2.75 -4.85
C GLU A 88 -34.34 3.46 -5.90
N LEU A 89 -34.18 4.78 -5.82
CA LEU A 89 -33.26 5.45 -6.72
C LEU A 89 -31.91 5.60 -6.05
N ALA A 90 -30.89 5.93 -6.84
CA ALA A 90 -29.52 6.11 -6.38
C ALA A 90 -29.14 7.58 -6.55
N PRO A 91 -29.31 8.45 -5.54
CA PRO A 91 -29.10 9.90 -5.73
C PRO A 91 -27.63 10.26 -5.76
N VAL A 92 -27.27 11.27 -6.56
CA VAL A 92 -25.96 11.89 -6.51
C VAL A 92 -26.13 13.42 -6.48
N SER A 93 -25.05 14.10 -6.10
CA SER A 93 -25.05 15.54 -6.00
C SER A 93 -24.88 16.19 -7.38
N VAL A 94 -25.22 17.48 -7.45
CA VAL A 94 -24.68 18.29 -8.53
C VAL A 94 -23.50 19.03 -7.91
N HIS A 95 -22.37 18.97 -8.59
CA HIS A 95 -21.15 19.55 -8.03
C HIS A 95 -20.98 20.99 -8.53
N GLU B 2 5.54 19.45 -13.74
CA GLU B 2 5.81 20.76 -13.11
C GLU B 2 4.51 21.42 -12.63
N LEU B 3 4.56 22.74 -12.44
CA LEU B 3 3.46 23.50 -11.84
C LEU B 3 2.59 24.14 -12.93
N ARG B 4 1.26 24.08 -12.73
CA ARG B 4 0.33 24.61 -13.70
C ARG B 4 -0.87 25.20 -12.96
N THR B 5 -1.52 26.17 -13.60
CA THR B 5 -2.78 26.72 -13.10
C THR B 5 -3.88 26.18 -14.00
N LEU B 6 -5.02 25.82 -13.38
CA LEU B 6 -6.20 25.37 -14.09
C LEU B 6 -7.42 25.53 -13.21
N PRO B 7 -8.63 25.50 -13.81
CA PRO B 7 -9.86 25.60 -13.04
C PRO B 7 -10.17 24.30 -12.29
N VAL B 8 -10.96 24.45 -11.23
CA VAL B 8 -11.20 23.41 -10.25
C VAL B 8 -12.68 23.06 -10.28
N LEU B 9 -12.98 21.78 -10.07
CA LEU B 9 -14.35 21.41 -9.78
C LEU B 9 -14.41 20.73 -8.41
N PRO B 10 -14.97 21.37 -7.38
CA PRO B 10 -15.02 20.74 -6.07
C PRO B 10 -16.14 19.70 -6.08
N LEU B 11 -15.80 18.52 -5.58
CA LEU B 11 -16.79 17.45 -5.49
C LEU B 11 -17.44 17.45 -4.12
N ARG B 12 -18.77 17.38 -4.12
CA ARG B 12 -19.50 17.41 -2.88
C ARG B 12 -19.20 16.20 -2.02
N ASP B 13 -19.21 14.98 -2.62
CA ASP B 13 -19.46 13.82 -1.81
C ASP B 13 -18.86 12.56 -2.42
N ILE B 14 -17.88 12.67 -3.33
CA ILE B 14 -17.18 11.52 -3.92
C ILE B 14 -15.70 11.87 -4.15
N VAL B 15 -14.89 10.81 -4.28
CA VAL B 15 -13.51 10.96 -4.71
C VAL B 15 -13.24 10.16 -5.97
N VAL B 16 -12.65 10.85 -6.95
CA VAL B 16 -12.32 10.24 -8.24
C VAL B 16 -10.84 9.87 -8.20
N PHE B 17 -10.49 8.59 -8.41
CA PHE B 17 -9.08 8.25 -8.38
C PHE B 17 -8.50 8.34 -9.78
N PRO B 18 -7.16 8.40 -9.94
CA PRO B 18 -6.50 8.23 -11.25
C PRO B 18 -7.01 6.95 -11.89
N HIS B 19 -7.31 7.04 -13.20
CA HIS B 19 -7.72 5.94 -14.03
C HIS B 19 -9.20 5.60 -13.87
N MET B 20 -9.95 6.34 -13.07
CA MET B 20 -11.37 6.03 -12.99
C MET B 20 -12.11 6.91 -14.01
N VAL B 21 -13.13 6.33 -14.65
CA VAL B 21 -13.97 7.07 -15.56
C VAL B 21 -15.36 7.14 -14.95
N VAL B 22 -15.89 8.36 -14.75
CA VAL B 22 -17.04 8.63 -13.90
C VAL B 22 -17.96 9.65 -14.57
N PRO B 23 -19.28 9.38 -14.65
CA PRO B 23 -20.26 10.40 -15.01
C PRO B 23 -20.55 11.27 -13.80
N LEU B 24 -20.69 12.58 -14.01
CA LEU B 24 -20.86 13.57 -12.94
C LEU B 24 -21.93 14.53 -13.42
N PHE B 25 -22.69 15.12 -12.49
CA PHE B 25 -23.54 16.24 -12.86
C PHE B 25 -23.02 17.51 -12.17
N VAL B 26 -22.96 18.61 -12.94
CA VAL B 26 -22.31 19.83 -12.52
C VAL B 26 -23.35 20.93 -12.65
N GLY B 27 -23.64 21.57 -11.51
CA GLY B 27 -24.85 22.36 -11.37
C GLY B 27 -24.62 23.65 -10.59
N ARG B 28 -23.53 23.76 -9.83
CA ARG B 28 -23.26 25.02 -9.13
C ARG B 28 -22.63 26.03 -10.10
N ASP B 29 -22.96 27.32 -9.92
CA ASP B 29 -22.62 28.39 -10.87
C ASP B 29 -21.13 28.41 -11.17
N LYS B 30 -20.31 28.55 -10.12
CA LYS B 30 -18.86 28.52 -10.25
C LYS B 30 -18.33 27.21 -10.84
N SER B 31 -19.04 26.07 -10.68
CA SER B 31 -18.53 24.80 -11.17
C SER B 31 -18.74 24.75 -12.68
N VAL B 32 -19.93 25.22 -13.06
CA VAL B 32 -20.34 25.30 -14.46
C VAL B 32 -19.37 26.21 -15.23
N ARG B 33 -18.94 27.30 -14.58
CA ARG B 33 -18.11 28.28 -15.26
C ARG B 33 -16.72 27.68 -15.42
N ALA B 34 -16.29 26.90 -14.41
CA ALA B 34 -14.97 26.25 -14.46
C ALA B 34 -14.93 25.30 -15.66
N LEU B 35 -16.06 24.60 -15.87
CA LEU B 35 -16.24 23.63 -16.92
C LEU B 35 -16.28 24.25 -18.31
N GLU B 36 -17.09 25.31 -18.50
CA GLU B 36 -17.12 26.02 -19.77
C GLU B 36 -15.71 26.43 -20.19
N GLU B 37 -14.94 26.93 -19.20
CA GLU B 37 -13.57 27.36 -19.38
C GLU B 37 -12.70 26.24 -19.93
N VAL B 38 -12.78 25.10 -19.24
CA VAL B 38 -11.95 23.97 -19.56
C VAL B 38 -12.29 23.45 -20.96
N MET B 39 -13.60 23.52 -21.35
CA MET B 39 -14.04 23.01 -22.65
C MET B 39 -13.62 23.90 -23.84
N ARG B 40 -13.39 25.20 -23.62
CA ARG B 40 -12.80 26.05 -24.66
C ARG B 40 -11.30 25.77 -24.85
N GLY B 41 -10.70 25.01 -23.92
CA GLY B 41 -9.25 24.81 -23.85
C GLY B 41 -8.87 23.34 -24.05
N ASP B 42 -7.89 22.88 -23.24
CA ASP B 42 -7.33 21.53 -23.30
C ASP B 42 -8.19 20.48 -22.55
N LYS B 43 -9.40 20.86 -22.10
CA LYS B 43 -10.44 19.96 -21.61
C LYS B 43 -10.05 19.32 -20.27
N GLN B 44 -9.17 19.97 -19.52
CA GLN B 44 -8.60 19.31 -18.34
C GLN B 44 -8.95 20.12 -17.11
N ILE B 45 -9.30 19.45 -16.00
CA ILE B 45 -9.77 20.12 -14.81
C ILE B 45 -9.19 19.45 -13.57
N LEU B 46 -9.22 20.19 -12.47
CA LEU B 46 -8.83 19.65 -11.18
C LEU B 46 -10.10 19.21 -10.44
N LEU B 47 -10.15 17.91 -10.11
CA LEU B 47 -11.22 17.39 -9.27
C LEU B 47 -10.63 17.38 -7.87
N VAL B 48 -11.35 17.94 -6.91
CA VAL B 48 -10.87 17.80 -5.54
C VAL B 48 -12.11 17.75 -4.64
N THR B 49 -12.04 16.91 -3.60
CA THR B 49 -13.19 16.64 -2.77
C THR B 49 -13.31 17.71 -1.69
N GLN B 50 -14.54 18.06 -1.31
CA GLN B 50 -14.75 19.02 -0.23
C GLN B 50 -14.88 18.25 1.07
N LYS B 51 -14.48 18.93 2.17
CA LYS B 51 -14.45 18.31 3.48
C LYS B 51 -15.85 18.04 3.99
N ASN B 52 -16.84 18.89 3.66
CA ASN B 52 -18.17 18.66 4.20
C ASN B 52 -19.21 18.80 3.10
N SER B 53 -19.97 17.71 2.86
CA SER B 53 -20.93 17.59 1.77
C SER B 53 -22.13 18.53 1.95
N ALA B 54 -22.46 18.92 3.19
CA ALA B 54 -23.50 19.91 3.46
C ALA B 54 -23.16 21.29 2.88
N ASP B 55 -21.88 21.71 2.89
CA ASP B 55 -21.51 23.05 2.48
C ASP B 55 -21.85 23.27 1.01
N ASP B 56 -22.66 24.28 0.68
CA ASP B 56 -23.02 24.55 -0.72
C ASP B 56 -21.96 25.41 -1.41
N ASP B 57 -21.27 26.27 -0.67
CA ASP B 57 -20.32 27.17 -1.31
C ASP B 57 -19.00 27.06 -0.54
N PRO B 58 -18.30 25.90 -0.57
CA PRO B 58 -17.13 25.70 0.29
C PRO B 58 -16.06 26.73 -0.10
N ALA B 59 -15.25 27.14 0.88
CA ALA B 59 -14.08 27.96 0.67
C ALA B 59 -12.85 27.08 0.62
N PRO B 60 -11.69 27.62 0.18
CA PRO B 60 -10.45 26.85 0.07
C PRO B 60 -10.04 26.03 1.28
N GLY B 61 -10.25 26.61 2.47
CA GLY B 61 -9.93 25.93 3.72
C GLY B 61 -10.89 24.76 3.97
N ASP B 62 -11.98 24.67 3.19
CA ASP B 62 -12.96 23.62 3.42
C ASP B 62 -12.94 22.59 2.30
N ILE B 63 -11.85 22.61 1.53
CA ILE B 63 -11.61 21.65 0.48
C ILE B 63 -10.24 21.03 0.75
N PHE B 64 -10.16 19.70 0.57
CA PHE B 64 -8.93 18.92 0.73
C PHE B 64 -7.86 19.46 -0.21
N GLU B 65 -6.61 19.05 0.01
CA GLU B 65 -5.45 19.67 -0.62
C GLU B 65 -4.78 18.74 -1.65
N VAL B 66 -5.37 17.55 -1.85
CA VAL B 66 -4.94 16.60 -2.86
C VAL B 66 -6.18 16.25 -3.68
N GLY B 67 -6.00 16.24 -4.99
CA GLY B 67 -7.10 16.00 -5.89
C GLY B 67 -6.61 15.24 -7.10
N VAL B 68 -7.39 15.29 -8.17
CA VAL B 68 -7.01 14.50 -9.32
C VAL B 68 -7.10 15.37 -10.57
N LEU B 69 -6.04 15.34 -11.36
CA LEU B 69 -6.12 15.98 -12.65
C LEU B 69 -6.93 15.06 -13.55
N ALA B 70 -7.95 15.61 -14.23
CA ALA B 70 -8.81 14.79 -15.05
C ALA B 70 -9.04 15.50 -16.39
N THR B 71 -9.43 14.69 -17.39
CA THR B 71 -9.86 15.13 -18.70
C THR B 71 -11.38 14.90 -18.85
N VAL B 72 -12.07 15.90 -19.41
CA VAL B 72 -13.46 15.76 -19.77
C VAL B 72 -13.53 15.00 -21.09
N LEU B 73 -14.09 13.80 -21.05
CA LEU B 73 -14.23 12.95 -22.22
C LEU B 73 -15.45 13.34 -23.04
N GLN B 74 -16.55 13.77 -22.38
CA GLN B 74 -17.84 13.90 -23.04
C GLN B 74 -18.80 14.76 -22.22
N LEU B 75 -19.70 15.53 -22.87
CA LEU B 75 -20.42 16.62 -22.20
C LEU B 75 -21.80 16.81 -22.80
N LEU B 76 -22.83 16.96 -21.96
CA LEU B 76 -24.19 17.25 -22.41
C LEU B 76 -24.86 18.21 -21.42
N LYS B 77 -25.24 19.39 -21.93
CA LYS B 77 -25.98 20.36 -21.15
C LYS B 77 -27.43 19.87 -21.13
N LEU B 78 -27.99 19.61 -19.93
CA LEU B 78 -29.36 19.11 -19.88
C LEU B 78 -30.31 20.31 -19.92
N PRO B 79 -31.63 20.13 -20.23
CA PRO B 79 -32.52 21.29 -20.42
C PRO B 79 -32.56 22.24 -19.23
N ASP B 80 -32.39 21.70 -17.99
CA ASP B 80 -32.48 22.51 -16.79
C ASP B 80 -31.16 23.22 -16.51
N GLY B 81 -30.15 23.06 -17.38
CA GLY B 81 -28.89 23.77 -17.13
C GLY B 81 -27.80 22.88 -16.48
N THR B 82 -28.17 21.78 -15.82
CA THR B 82 -27.17 20.89 -15.23
C THR B 82 -26.29 20.32 -16.35
N VAL B 83 -24.97 20.24 -16.11
CA VAL B 83 -24.12 19.69 -17.16
C VAL B 83 -23.70 18.26 -16.82
N LYS B 84 -24.11 17.28 -17.65
CA LYS B 84 -23.73 15.89 -17.47
C LYS B 84 -22.36 15.67 -18.08
N VAL B 85 -21.38 15.18 -17.29
CA VAL B 85 -20.06 15.09 -17.88
C VAL B 85 -19.42 13.76 -17.50
N LEU B 86 -18.72 13.15 -18.46
CA LEU B 86 -17.97 11.94 -18.21
C LEU B 86 -16.51 12.32 -18.08
N VAL B 87 -15.91 12.08 -16.91
CA VAL B 87 -14.55 12.53 -16.66
C VAL B 87 -13.64 11.34 -16.42
N GLU B 88 -12.35 11.58 -16.68
CA GLU B 88 -11.37 10.53 -16.51
C GLU B 88 -10.25 11.08 -15.64
N GLY B 89 -10.10 10.53 -14.42
CA GLY B 89 -8.92 10.84 -13.63
C GLY B 89 -7.63 10.38 -14.33
N LYS B 90 -6.58 11.20 -14.27
CA LYS B 90 -5.32 10.93 -14.94
C LYS B 90 -4.23 10.81 -13.87
N ALA B 91 -4.19 11.72 -12.90
CA ALA B 91 -3.10 11.70 -11.94
C ALA B 91 -3.42 12.50 -10.70
N ARG B 92 -2.90 12.00 -9.58
CA ARG B 92 -2.92 12.70 -8.30
C ARG B 92 -2.27 14.05 -8.51
N ALA B 93 -2.78 15.02 -7.77
CA ALA B 93 -2.29 16.39 -7.87
C ALA B 93 -2.36 17.03 -6.49
N ALA B 94 -1.21 17.57 -6.04
CA ALA B 94 -1.15 18.44 -4.87
C ALA B 94 -1.66 19.85 -5.19
N VAL B 95 -2.51 20.42 -4.32
CA VAL B 95 -2.99 21.78 -4.51
C VAL B 95 -2.03 22.75 -3.81
N VAL B 96 -1.33 23.62 -4.57
CA VAL B 96 -0.41 24.59 -3.97
C VAL B 96 -1.21 25.72 -3.30
N SER B 97 -2.15 26.30 -4.04
CA SER B 97 -3.10 27.27 -3.51
C SER B 97 -4.14 27.57 -4.59
N PHE B 98 -5.25 28.20 -4.16
CA PHE B 98 -6.26 28.76 -5.05
C PHE B 98 -5.88 30.19 -5.43
N THR B 99 -6.06 30.50 -6.72
CA THR B 99 -5.87 31.87 -7.18
C THR B 99 -7.00 32.75 -6.63
N ASP B 100 -7.16 33.92 -7.29
CA ASP B 100 -7.89 35.08 -6.81
C ASP B 100 -9.24 35.16 -7.52
N GLN B 101 -9.46 34.18 -8.42
CA GLN B 101 -10.55 34.19 -9.38
C GLN B 101 -11.84 33.97 -8.59
N GLU B 102 -12.87 34.74 -8.94
CA GLU B 102 -14.14 34.75 -8.21
C GLU B 102 -15.24 34.33 -9.18
N SER B 103 -14.89 34.26 -10.46
CA SER B 103 -15.76 33.67 -11.44
C SER B 103 -15.84 32.16 -11.18
N TYR B 104 -14.73 31.56 -10.74
CA TYR B 104 -14.64 30.13 -10.52
C TYR B 104 -13.38 29.81 -9.73
N TYR B 105 -13.36 28.64 -9.07
CA TYR B 105 -12.17 28.19 -8.38
C TYR B 105 -11.08 27.85 -9.39
N GLU B 106 -9.86 28.22 -9.03
CA GLU B 106 -8.70 27.98 -9.86
C GLU B 106 -7.53 27.72 -8.93
N ALA B 107 -6.59 26.90 -9.39
CA ALA B 107 -5.53 26.47 -8.50
C ALA B 107 -4.27 26.15 -9.28
N GLN B 108 -3.15 26.27 -8.56
CA GLN B 108 -1.87 25.77 -9.04
C GLN B 108 -1.62 24.41 -8.40
N ILE B 109 -1.12 23.46 -9.22
CA ILE B 109 -1.05 22.05 -8.84
C ILE B 109 0.34 21.50 -9.16
N GLY B 110 0.89 20.73 -8.20
CA GLY B 110 2.13 19.99 -8.35
C GLY B 110 1.89 18.53 -8.73
N GLU B 111 2.84 17.97 -9.49
CA GLU B 111 2.90 16.55 -9.75
C GLU B 111 3.29 15.84 -8.44
N VAL B 112 2.87 14.58 -8.32
CA VAL B 112 3.21 13.75 -7.18
C VAL B 112 4.05 12.54 -7.63
N SER B 113 5.03 12.18 -6.81
CA SER B 113 5.82 10.97 -6.95
C SER B 113 5.32 9.93 -5.93
N GLU B 114 5.35 8.66 -6.36
CA GLU B 114 4.76 7.56 -5.61
C GLU B 114 5.86 6.57 -5.28
N ASP B 115 5.98 6.20 -4.01
CA ASP B 115 6.87 5.11 -3.68
C ASP B 115 6.24 3.82 -4.23
N ASP B 116 6.96 3.15 -5.13
CA ASP B 116 6.47 1.97 -5.83
C ASP B 116 7.50 0.86 -5.72
N GLY B 117 7.07 -0.37 -5.99
CA GLY B 117 8.03 -1.42 -6.26
C GLY B 117 8.25 -2.34 -5.06
N ALA B 118 9.28 -3.17 -5.22
CA ALA B 118 9.05 -4.55 -5.60
C ALA B 118 9.68 -5.56 -4.64
N GLY B 119 9.56 -5.35 -3.34
CA GLY B 119 10.01 -6.40 -2.42
C GLY B 119 8.97 -7.50 -2.36
N PRO B 120 9.29 -8.68 -1.74
CA PRO B 120 8.28 -9.68 -1.40
C PRO B 120 6.99 -9.08 -0.80
N GLU B 121 7.07 -7.84 -0.29
CA GLU B 121 5.97 -7.15 0.38
C GLU B 121 4.92 -6.69 -0.63
N ALA B 122 5.31 -5.74 -1.50
CA ALA B 122 4.40 -5.27 -2.54
C ALA B 122 3.69 -6.46 -3.21
N GLU B 123 4.45 -7.55 -3.35
CA GLU B 123 4.04 -8.69 -4.12
C GLU B 123 2.97 -9.47 -3.35
N ALA B 124 3.29 -9.87 -2.12
CA ALA B 124 2.35 -10.56 -1.26
C ALA B 124 1.10 -9.72 -0.98
N LEU B 125 1.27 -8.39 -0.83
CA LEU B 125 0.12 -7.52 -0.60
C LEU B 125 -0.83 -7.47 -1.80
N SER B 126 -0.30 -7.42 -3.02
CA SER B 126 -1.17 -7.39 -4.19
C SER B 126 -2.05 -8.65 -4.24
N ARG B 127 -1.38 -9.80 -4.11
CA ARG B 127 -2.09 -11.05 -4.19
C ARG B 127 -3.07 -11.12 -3.02
N ALA B 128 -2.65 -10.61 -1.86
CA ALA B 128 -3.56 -10.75 -0.72
C ALA B 128 -4.79 -9.88 -0.95
N VAL B 129 -4.59 -8.71 -1.58
CA VAL B 129 -5.67 -7.73 -1.67
C VAL B 129 -6.69 -8.22 -2.68
N VAL B 130 -6.18 -8.82 -3.77
CA VAL B 130 -7.02 -9.45 -4.77
C VAL B 130 -7.84 -10.56 -4.10
N GLU B 131 -7.17 -11.40 -3.32
CA GLU B 131 -7.91 -12.50 -2.74
C GLU B 131 -9.00 -11.96 -1.81
N GLN B 132 -8.65 -10.96 -1.01
CA GLN B 132 -9.57 -10.37 -0.05
C GLN B 132 -10.74 -9.73 -0.81
N PHE B 133 -10.44 -9.11 -1.96
CA PHE B 133 -11.44 -8.38 -2.73
C PHE B 133 -12.50 -9.38 -3.20
N GLU B 134 -12.05 -10.55 -3.66
CA GLU B 134 -12.94 -11.64 -4.06
C GLU B 134 -13.95 -11.98 -2.96
N ASN B 135 -13.50 -12.02 -1.71
CA ASN B 135 -14.40 -12.26 -0.58
C ASN B 135 -15.29 -11.04 -0.34
N TYR B 136 -14.70 -9.84 -0.42
CA TYR B 136 -15.37 -8.61 -0.01
C TYR B 136 -16.61 -8.41 -0.88
N VAL B 137 -16.51 -8.70 -2.18
CA VAL B 137 -17.64 -8.41 -3.03
C VAL B 137 -18.81 -9.37 -2.80
N LYS B 138 -18.59 -10.51 -2.13
CA LYS B 138 -19.70 -11.37 -1.76
C LYS B 138 -20.53 -10.66 -0.69
N LEU B 139 -19.86 -9.83 0.12
CA LEU B 139 -20.53 -9.13 1.21
C LEU B 139 -21.04 -7.77 0.73
N ASN B 140 -20.68 -7.37 -0.50
CA ASN B 140 -21.08 -6.06 -1.03
C ASN B 140 -21.50 -6.25 -2.49
N LYS B 141 -22.80 -6.54 -2.70
CA LYS B 141 -23.26 -7.07 -3.98
C LYS B 141 -23.44 -5.98 -5.03
N LYS B 142 -22.99 -4.76 -4.71
CA LYS B 142 -23.18 -3.63 -5.62
C LYS B 142 -21.94 -3.35 -6.47
N VAL B 143 -20.84 -4.08 -6.26
CA VAL B 143 -19.70 -3.99 -7.17
C VAL B 143 -20.09 -4.56 -8.53
N PRO B 144 -19.94 -3.80 -9.63
CA PRO B 144 -20.33 -4.27 -10.96
C PRO B 144 -19.52 -5.48 -11.33
N PRO B 145 -20.12 -6.41 -12.10
CA PRO B 145 -19.41 -7.64 -12.49
C PRO B 145 -18.20 -7.34 -13.40
N GLU B 146 -18.24 -6.24 -14.16
CA GLU B 146 -17.08 -5.86 -14.97
C GLU B 146 -15.83 -5.72 -14.07
N ALA B 147 -16.01 -5.07 -12.92
CA ALA B 147 -14.89 -4.78 -12.03
C ALA B 147 -14.42 -6.07 -11.37
N LEU B 148 -15.36 -7.02 -11.17
CA LEU B 148 -14.96 -8.29 -10.56
C LEU B 148 -14.05 -9.02 -11.53
N ALA B 149 -14.32 -8.90 -12.85
CA ALA B 149 -13.46 -9.55 -13.85
C ALA B 149 -12.16 -8.78 -14.05
N SER B 150 -12.19 -7.45 -14.08
CA SER B 150 -10.98 -6.77 -14.51
C SER B 150 -10.00 -6.55 -13.36
N ILE B 151 -10.49 -6.33 -12.13
CA ILE B 151 -9.59 -5.93 -11.05
C ILE B 151 -8.53 -6.99 -10.74
N PRO B 152 -8.87 -8.30 -10.68
CA PRO B 152 -7.85 -9.35 -10.51
C PRO B 152 -6.75 -9.33 -11.53
N GLN B 153 -6.93 -8.60 -12.65
CA GLN B 153 -5.92 -8.58 -13.69
C GLN B 153 -5.02 -7.36 -13.58
N ILE B 154 -5.29 -6.44 -12.65
CA ILE B 154 -4.44 -5.25 -12.62
C ILE B 154 -3.06 -5.62 -12.10
N ALA B 155 -2.03 -5.32 -12.91
CA ALA B 155 -0.67 -5.75 -12.61
C ALA B 155 0.07 -4.70 -11.76
N GLU B 156 -0.21 -3.40 -11.98
CA GLU B 156 0.45 -2.29 -11.28
C GLU B 156 -0.21 -2.09 -9.92
N PRO B 157 0.56 -2.33 -8.84
CA PRO B 157 0.04 -2.25 -7.46
C PRO B 157 -0.71 -0.99 -7.07
N GLY B 158 -0.25 0.14 -7.59
CA GLY B 158 -0.82 1.41 -7.20
C GLY B 158 -2.19 1.57 -7.84
N LYS B 159 -2.28 1.08 -9.09
CA LYS B 159 -3.52 1.07 -9.87
C LYS B 159 -4.50 0.08 -9.23
N LEU B 160 -3.94 -1.02 -8.76
CA LEU B 160 -4.76 -2.04 -8.11
C LEU B 160 -5.42 -1.43 -6.87
N ALA B 161 -4.65 -0.70 -6.08
CA ALA B 161 -5.12 -0.16 -4.83
C ALA B 161 -6.19 0.89 -5.11
N ASP B 162 -5.97 1.73 -6.13
CA ASP B 162 -6.91 2.79 -6.46
C ASP B 162 -8.21 2.18 -6.98
N SER B 163 -8.12 1.11 -7.76
CA SER B 163 -9.35 0.54 -8.31
C SER B 163 -10.22 -0.07 -7.21
N ILE B 164 -9.58 -0.78 -6.27
CA ILE B 164 -10.31 -1.36 -5.17
C ILE B 164 -10.86 -0.22 -4.30
N ALA B 165 -10.04 0.81 -4.01
CA ALA B 165 -10.48 1.96 -3.22
C ALA B 165 -11.78 2.50 -3.76
N ALA B 166 -11.86 2.64 -5.08
CA ALA B 166 -13.08 3.20 -5.68
C ALA B 166 -14.28 2.33 -5.41
N HIS B 167 -14.09 1.06 -5.11
CA HIS B 167 -15.23 0.19 -5.06
C HIS B 167 -15.60 -0.12 -3.62
N LEU B 168 -14.84 0.40 -2.63
CA LEU B 168 -15.12 0.09 -1.24
C LEU B 168 -16.34 0.88 -0.81
N SER B 169 -17.13 0.28 0.10
CA SER B 169 -18.26 0.93 0.77
C SER B 169 -17.77 1.55 2.07
N VAL B 170 -17.13 2.70 1.95
CA VAL B 170 -16.49 3.32 3.08
C VAL B 170 -16.83 4.81 2.98
N LYS B 171 -16.65 5.51 4.10
CA LYS B 171 -16.91 6.93 4.16
C LYS B 171 -15.94 7.67 3.24
N ILE B 172 -16.41 8.83 2.76
CA ILE B 172 -15.65 9.84 2.05
C ILE B 172 -14.26 10.05 2.67
N GLY B 173 -14.21 10.25 3.99
CA GLY B 173 -12.90 10.53 4.56
C GLY B 173 -11.90 9.40 4.32
N ASP B 174 -12.38 8.14 4.31
CA ASP B 174 -11.50 7.00 4.06
C ASP B 174 -11.05 6.96 2.61
N LYS B 175 -11.94 7.32 1.68
CA LYS B 175 -11.54 7.38 0.29
C LYS B 175 -10.49 8.49 0.08
N GLN B 176 -10.71 9.68 0.67
CA GLN B 176 -9.78 10.80 0.52
C GLN B 176 -8.42 10.46 1.14
N ASN B 177 -8.43 9.78 2.30
CA ASN B 177 -7.21 9.29 2.90
C ASN B 177 -6.46 8.40 1.92
N LEU B 178 -7.17 7.53 1.18
CA LEU B 178 -6.45 6.63 0.28
C LEU B 178 -5.85 7.41 -0.87
N LEU B 179 -6.54 8.47 -1.33
CA LEU B 179 -5.98 9.32 -2.37
C LEU B 179 -4.67 9.96 -1.90
N GLU B 180 -4.59 10.29 -0.61
CA GLU B 180 -3.43 11.00 -0.06
C GLU B 180 -2.27 10.08 0.30
N ILE B 181 -2.48 8.74 0.30
CA ILE B 181 -1.36 7.84 0.59
C ILE B 181 -0.59 7.61 -0.70
N PHE B 182 0.62 8.16 -0.77
CA PHE B 182 1.42 8.14 -1.99
C PHE B 182 2.31 6.90 -1.99
N ASP B 183 2.54 6.32 -0.82
CA ASP B 183 3.29 5.07 -0.79
C ASP B 183 2.36 3.91 -1.15
N VAL B 184 2.72 3.14 -2.19
CA VAL B 184 1.80 2.16 -2.73
C VAL B 184 1.62 1.01 -1.75
N VAL B 185 2.71 0.65 -1.02
CA VAL B 185 2.64 -0.46 -0.09
C VAL B 185 1.71 -0.04 1.05
N LYS B 186 1.85 1.22 1.52
CA LYS B 186 0.99 1.68 2.59
C LYS B 186 -0.47 1.69 2.13
N ARG B 187 -0.69 2.07 0.86
CA ARG B 187 -2.04 2.18 0.32
C ARG B 187 -2.66 0.77 0.25
N LEU B 188 -1.94 -0.23 -0.26
CA LEU B 188 -2.47 -1.57 -0.35
C LEU B 188 -2.76 -2.08 1.07
N GLU B 189 -1.89 -1.80 2.05
CA GLU B 189 -2.13 -2.17 3.43
C GLU B 189 -3.43 -1.58 3.97
N LYS B 190 -3.67 -0.31 3.68
CA LYS B 190 -4.94 0.32 4.08
C LYS B 190 -6.18 -0.33 3.42
N VAL B 191 -6.12 -0.57 2.10
CA VAL B 191 -7.25 -1.17 1.40
C VAL B 191 -7.52 -2.57 1.98
N PHE B 192 -6.45 -3.32 2.36
CA PHE B 192 -6.63 -4.61 2.98
C PHE B 192 -7.43 -4.45 4.29
N ALA B 193 -6.99 -3.54 5.17
CA ALA B 193 -7.60 -3.32 6.48
C ALA B 193 -9.07 -2.91 6.33
N LEU B 194 -9.36 -2.01 5.39
CA LEU B 194 -10.71 -1.54 5.14
C LEU B 194 -11.61 -2.69 4.70
N MET B 195 -11.03 -3.68 4.01
CA MET B 195 -11.83 -4.82 3.56
C MET B 195 -12.05 -5.83 4.69
N GLU B 196 -11.31 -5.74 5.80
CA GLU B 196 -11.57 -6.60 6.96
C GLU B 196 -13.00 -6.46 7.49
N GLY B 197 -13.69 -7.60 7.58
CA GLY B 197 -15.12 -7.57 7.91
C GLY B 197 -15.34 -7.43 9.43
N GLU B 198 -14.46 -8.08 10.19
CA GLU B 198 -14.42 -8.03 11.65
C GLU B 198 -13.02 -7.64 12.08
N ILE B 199 -12.89 -6.45 12.71
CA ILE B 199 -11.59 -5.85 13.04
C ILE B 199 -10.60 -6.93 13.45
N SER B 200 -9.47 -6.98 12.77
CA SER B 200 -8.46 -7.98 13.08
C SER B 200 -8.14 -7.91 14.58
N VAL B 201 -7.87 -9.09 15.17
CA VAL B 201 -7.41 -9.16 16.55
C VAL B 201 -6.06 -8.45 16.61
N LEU B 202 -5.52 -8.17 15.43
CA LEU B 202 -4.16 -7.72 15.22
C LEU B 202 -3.95 -6.22 15.53
N GLN B 203 -5.02 -5.40 15.58
CA GLN B 203 -4.86 -3.99 15.95
C GLN B 203 -5.82 -3.62 17.07
N VAL B 204 -5.40 -3.82 18.33
CA VAL B 204 -6.19 -3.47 19.51
C VAL B 204 -5.44 -2.41 20.35
N HIS C 13 26.49 -9.39 33.36
CA HIS C 13 25.36 -10.20 32.78
C HIS C 13 24.50 -9.34 31.84
N SER C 14 25.11 -8.34 31.19
CA SER C 14 24.40 -7.28 30.48
C SER C 14 24.19 -7.57 28.99
N ARG C 15 25.15 -8.27 28.36
CA ARG C 15 25.04 -8.64 26.95
C ARG C 15 23.82 -9.53 26.73
N PRO C 16 23.74 -10.78 27.27
CA PRO C 16 22.50 -11.56 27.21
C PRO C 16 21.39 -11.04 28.12
N LEU C 17 20.27 -10.65 27.50
CA LEU C 17 19.06 -10.18 28.16
C LEU C 17 18.50 -11.27 29.07
N THR C 18 17.49 -10.91 29.88
CA THR C 18 16.72 -11.91 30.58
C THR C 18 15.74 -12.56 29.60
N SER C 19 15.33 -13.80 29.90
CA SER C 19 14.44 -14.57 29.03
C SER C 19 13.19 -13.78 28.67
N GLU C 20 12.60 -13.08 29.66
CA GLU C 20 11.42 -12.30 29.40
C GLU C 20 11.76 -11.17 28.42
N ALA C 21 12.88 -10.48 28.66
CA ALA C 21 13.28 -9.32 27.88
C ALA C 21 13.60 -9.72 26.44
N PHE C 22 14.21 -10.91 26.31
CA PHE C 22 14.61 -11.46 25.02
C PHE C 22 13.36 -11.90 24.24
N ALA C 23 12.35 -12.40 24.96
CA ALA C 23 11.07 -12.77 24.38
C ALA C 23 10.32 -11.51 23.97
N ALA C 24 10.39 -10.44 24.78
CA ALA C 24 9.79 -9.16 24.40
C ALA C 24 10.53 -8.54 23.19
N LEU C 25 11.82 -8.85 23.05
CA LEU C 25 12.66 -8.18 22.07
C LEU C 25 11.96 -8.13 20.71
N GLY C 26 11.74 -6.91 20.20
CA GLY C 26 11.18 -6.73 18.88
C GLY C 26 9.70 -6.34 18.96
N ALA C 27 9.05 -6.66 20.09
CA ALA C 27 7.73 -6.11 20.37
C ALA C 27 7.82 -4.59 20.30
N PRO C 28 6.78 -3.88 19.84
CA PRO C 28 5.48 -4.49 19.49
C PRO C 28 5.24 -4.93 18.04
N ALA C 29 6.12 -4.58 17.10
CA ALA C 29 5.86 -4.81 15.69
C ALA C 29 6.36 -6.17 15.17
N LEU C 30 7.43 -6.73 15.74
CA LEU C 30 8.02 -7.97 15.25
C LEU C 30 7.05 -9.13 15.37
N VAL C 31 6.61 -9.70 14.23
CA VAL C 31 5.80 -10.91 14.33
C VAL C 31 6.32 -11.94 13.34
N TYR C 32 6.08 -13.25 13.55
CA TYR C 32 6.50 -14.20 12.53
C TYR C 32 5.27 -14.94 12.00
N VAL C 33 5.43 -15.49 10.78
CA VAL C 33 4.36 -16.29 10.22
C VAL C 33 4.86 -17.71 9.99
N ARG C 34 3.99 -18.65 10.26
CA ARG C 34 4.40 -20.03 10.08
C ARG C 34 3.20 -20.87 9.66
N PRO C 35 3.48 -21.94 8.88
CA PRO C 35 2.49 -22.97 8.56
C PRO C 35 1.84 -23.50 9.83
N ILE C 36 0.55 -23.85 9.71
CA ILE C 36 -0.17 -24.58 10.75
C ILE C 36 -0.24 -26.06 10.33
N LYS C 37 0.29 -26.94 11.16
CA LYS C 37 0.35 -28.37 10.82
C LYS C 37 -0.88 -29.10 11.40
N ALA C 38 -1.15 -30.29 10.86
CA ALA C 38 -2.41 -30.99 11.12
C ALA C 38 -2.62 -31.13 12.63
N ALA C 39 -1.54 -31.32 13.37
CA ALA C 39 -1.65 -31.51 14.81
C ALA C 39 -2.32 -30.30 15.47
N GLU C 40 -1.84 -29.07 15.18
CA GLU C 40 -2.44 -27.86 15.72
C GLU C 40 -3.86 -27.67 15.19
N ILE C 41 -4.11 -28.10 13.96
CA ILE C 41 -5.44 -27.92 13.45
C ILE C 41 -6.41 -28.80 14.22
N LEU C 42 -6.00 -30.05 14.52
CA LEU C 42 -6.92 -30.95 15.22
C LEU C 42 -7.10 -30.50 16.66
N ALA C 43 -6.07 -29.88 17.22
CA ALA C 43 -6.17 -29.32 18.56
C ALA C 43 -7.20 -28.18 18.57
N ASP C 44 -7.29 -27.40 17.52
CA ASP C 44 -8.20 -26.27 17.57
C ASP C 44 -9.64 -26.71 17.17
N ALA C 45 -9.79 -27.86 16.54
CA ALA C 45 -11.15 -28.23 16.16
C ALA C 45 -11.39 -29.70 16.54
N PRO C 46 -11.56 -29.94 17.86
CA PRO C 46 -11.75 -31.31 18.37
C PRO C 46 -13.00 -31.98 17.82
N GLU C 47 -13.94 -31.22 17.29
CA GLU C 47 -15.19 -31.80 16.78
C GLU C 47 -15.16 -32.00 15.28
N GLY C 48 -13.97 -31.92 14.65
CA GLY C 48 -13.91 -32.20 13.22
C GLY C 48 -13.26 -31.09 12.39
N VAL C 49 -12.47 -31.52 11.39
CA VAL C 49 -11.84 -30.59 10.45
C VAL C 49 -12.18 -31.02 9.01
N GLU C 50 -12.04 -30.12 8.04
CA GLU C 50 -12.17 -30.50 6.62
C GLU C 50 -10.97 -31.34 6.16
N ASP C 51 -11.19 -32.36 5.31
CA ASP C 51 -10.09 -33.23 4.90
C ASP C 51 -8.98 -32.46 4.15
N LEU C 52 -9.37 -31.40 3.45
CA LEU C 52 -8.47 -30.46 2.80
C LEU C 52 -7.45 -29.94 3.82
N ASP C 53 -7.84 -29.84 5.09
CA ASP C 53 -6.89 -29.29 6.05
C ASP C 53 -5.81 -30.30 6.43
N LEU C 54 -5.97 -31.56 6.06
CA LEU C 54 -4.92 -32.51 6.40
C LEU C 54 -4.02 -32.77 5.18
N SER C 55 -4.23 -32.01 4.10
CA SER C 55 -3.53 -32.27 2.85
C SER C 55 -2.41 -31.26 2.65
N PRO C 56 -1.35 -31.59 1.86
CA PRO C 56 -0.37 -30.58 1.42
C PRO C 56 -0.92 -29.48 0.50
N ASP C 57 -2.11 -29.67 -0.07
CA ASP C 57 -2.80 -28.76 -0.99
C ASP C 57 -3.23 -27.41 -0.40
N GLN C 58 -3.38 -27.35 0.93
CA GLN C 58 -3.81 -26.13 1.62
C GLN C 58 -2.82 -25.91 2.77
N THR C 59 -2.33 -24.67 2.90
CA THR C 59 -1.52 -24.37 4.06
C THR C 59 -2.02 -23.10 4.72
N LEU C 60 -2.75 -23.30 5.83
CA LEU C 60 -3.09 -22.22 6.74
C LEU C 60 -1.84 -21.68 7.46
N TYR C 61 -1.88 -20.40 7.77
CA TYR C 61 -0.71 -19.74 8.34
C TYR C 61 -1.13 -19.02 9.62
N ALA C 62 -0.22 -19.05 10.60
CA ALA C 62 -0.44 -18.36 11.85
C ALA C 62 0.44 -17.10 11.82
N VAL C 63 -0.08 -16.02 12.43
CA VAL C 63 0.81 -14.94 12.78
C VAL C 63 1.08 -15.07 14.29
N CYS C 64 2.37 -15.01 14.69
CA CYS C 64 2.82 -15.15 16.06
C CYS C 64 3.62 -13.91 16.47
N ARG C 65 3.28 -13.41 17.67
CA ARG C 65 4.04 -12.46 18.44
C ARG C 65 5.48 -12.94 18.60
N ALA C 66 6.36 -11.96 18.86
CA ALA C 66 7.79 -12.15 18.97
C ALA C 66 8.16 -13.13 20.08
N ASP C 67 7.24 -13.33 21.03
CA ASP C 67 7.46 -14.27 22.12
C ASP C 67 6.82 -15.64 21.82
N GLY C 68 6.27 -15.86 20.61
CA GLY C 68 5.74 -17.15 20.24
C GLY C 68 4.21 -17.26 20.31
N GLU C 69 3.59 -16.27 20.97
CA GLU C 69 2.14 -16.27 21.18
C GLU C 69 1.39 -16.14 19.84
N ARG C 70 0.48 -17.09 19.56
CA ARG C 70 -0.25 -17.11 18.30
C ARG C 70 -1.27 -15.99 18.30
N LEU C 71 -1.26 -15.12 17.27
CA LEU C 71 -2.17 -13.99 17.26
C LEU C 71 -3.37 -14.27 16.34
N ALA C 72 -3.18 -14.99 15.24
CA ALA C 72 -4.23 -15.11 14.25
C ALA C 72 -3.96 -16.33 13.37
N VAL C 73 -5.02 -16.76 12.68
CA VAL C 73 -4.95 -17.77 11.65
C VAL C 73 -5.53 -17.21 10.35
N LEU C 74 -4.82 -17.41 9.24
CA LEU C 74 -5.26 -16.90 7.95
C LEU C 74 -5.26 -18.07 6.98
N ILE C 75 -5.92 -17.86 5.84
CA ILE C 75 -6.06 -18.92 4.86
C ILE C 75 -4.71 -19.28 4.22
N ASP C 76 -3.78 -18.33 4.06
CA ASP C 76 -2.51 -18.63 3.39
C ASP C 76 -1.39 -17.68 3.85
N ARG C 77 -0.17 -17.91 3.34
CA ARG C 77 1.00 -17.15 3.73
C ARG C 77 0.82 -15.66 3.34
N ASP C 78 0.33 -15.41 2.13
CA ASP C 78 0.17 -14.04 1.65
C ASP C 78 -0.79 -13.25 2.54
N THR C 79 -1.88 -13.88 2.96
CA THR C 79 -2.86 -13.17 3.76
C THR C 79 -2.30 -12.96 5.14
N ALA C 80 -1.50 -13.93 5.62
CA ALA C 80 -0.85 -13.75 6.90
C ALA C 80 0.07 -12.52 6.86
N ILE C 81 0.93 -12.46 5.82
CA ILE C 81 1.83 -11.33 5.66
C ILE C 81 1.00 -10.06 5.53
N ALA C 82 -0.06 -10.05 4.71
CA ALA C 82 -0.84 -8.84 4.49
C ALA C 82 -1.55 -8.40 5.77
N ALA C 83 -2.15 -9.37 6.49
CA ALA C 83 -2.87 -8.96 7.69
C ALA C 83 -1.87 -8.32 8.67
N ALA C 84 -0.65 -8.88 8.74
CA ALA C 84 0.27 -8.28 9.69
C ALA C 84 0.60 -6.84 9.26
N LEU C 85 1.03 -6.69 8.02
CA LEU C 85 1.38 -5.39 7.45
C LEU C 85 0.25 -4.37 7.58
N ALA C 86 -1.02 -4.76 7.39
CA ALA C 86 -2.16 -3.86 7.46
C ALA C 86 -2.43 -3.39 8.89
N HIS C 87 -1.82 -4.03 9.90
CA HIS C 87 -2.03 -3.64 11.29
C HIS C 87 -0.73 -3.17 11.93
N GLU C 88 0.16 -2.65 11.08
CA GLU C 88 1.37 -1.97 11.54
C GLU C 88 2.38 -2.96 12.13
N LEU C 89 2.29 -4.25 11.79
CA LEU C 89 3.32 -5.16 12.26
C LEU C 89 4.36 -5.34 11.16
N ALA C 90 5.46 -5.99 11.50
CA ALA C 90 6.57 -6.27 10.59
C ALA C 90 6.73 -7.80 10.60
N PRO C 91 5.99 -8.54 9.72
CA PRO C 91 6.04 -10.01 9.74
C PRO C 91 7.32 -10.54 9.10
N VAL C 92 7.88 -11.61 9.65
CA VAL C 92 9.03 -12.24 9.06
C VAL C 92 8.79 -13.76 8.99
N SER C 93 9.57 -14.44 8.14
CA SER C 93 9.44 -15.86 7.94
C SER C 93 10.08 -16.64 9.08
N VAL C 94 9.71 -17.94 9.15
CA VAL C 94 10.44 -18.90 9.96
C VAL C 94 11.41 -19.67 9.07
N HIS C 95 12.70 -19.57 9.44
CA HIS C 95 13.73 -20.20 8.66
C HIS C 95 13.88 -21.67 9.11
N GLU D 2 43.46 -20.29 7.47
CA GLU D 2 42.92 -19.79 6.17
C GLU D 2 41.41 -20.02 6.14
N LEU D 3 41.02 -21.19 5.64
CA LEU D 3 39.62 -21.55 5.51
C LEU D 3 39.08 -21.90 6.89
N ARG D 4 37.76 -21.88 7.03
CA ARG D 4 37.14 -22.37 8.24
C ARG D 4 35.96 -23.26 7.87
N THR D 5 35.79 -24.34 8.64
CA THR D 5 34.58 -25.14 8.55
C THR D 5 33.69 -24.71 9.71
N LEU D 6 32.41 -24.49 9.39
CA LEU D 6 31.43 -24.08 10.38
C LEU D 6 30.04 -24.47 9.90
N PRO D 7 29.07 -24.52 10.83
CA PRO D 7 27.67 -24.83 10.53
C PRO D 7 27.00 -23.66 9.79
N VAL D 8 25.99 -23.97 8.97
CA VAL D 8 25.39 -22.91 8.19
C VAL D 8 23.93 -22.75 8.61
N LEU D 9 23.46 -21.51 8.48
CA LEU D 9 22.05 -21.27 8.68
C LEU D 9 21.46 -20.69 7.39
N PRO D 10 20.70 -21.49 6.61
CA PRO D 10 20.16 -20.96 5.36
C PRO D 10 18.93 -20.09 5.64
N LEU D 11 18.92 -18.92 5.03
CA LEU D 11 17.80 -18.02 5.24
C LEU D 11 16.85 -18.15 4.06
N ARG D 12 15.56 -18.16 4.32
CA ARG D 12 14.57 -18.20 3.24
C ARG D 12 14.63 -17.00 2.31
N ASP D 13 14.65 -15.76 2.83
CA ASP D 13 14.06 -14.71 2.02
C ASP D 13 14.61 -13.34 2.41
N ILE D 14 15.78 -13.30 3.09
CA ILE D 14 16.49 -12.08 3.45
C ILE D 14 17.97 -12.32 3.25
N VAL D 15 18.71 -11.20 3.11
CA VAL D 15 20.14 -11.18 3.23
C VAL D 15 20.47 -10.30 4.45
N VAL D 16 21.32 -10.87 5.31
CA VAL D 16 21.88 -10.11 6.43
C VAL D 16 23.26 -9.62 6.00
N PHE D 17 23.48 -8.31 6.03
CA PHE D 17 24.79 -7.79 5.60
C PHE D 17 25.72 -7.75 6.80
N PRO D 18 27.06 -7.67 6.58
CA PRO D 18 28.02 -7.40 7.66
C PRO D 18 27.54 -6.16 8.44
N HIS D 19 27.63 -6.23 9.77
CA HIS D 19 27.35 -5.11 10.68
C HIS D 19 25.87 -4.93 10.96
N MET D 20 24.99 -5.79 10.41
CA MET D 20 23.58 -5.67 10.74
C MET D 20 23.32 -6.62 11.91
N VAL D 21 22.49 -6.19 12.84
CA VAL D 21 22.06 -7.00 13.97
C VAL D 21 20.58 -7.27 13.76
N VAL D 22 20.17 -8.56 13.77
CA VAL D 22 18.87 -8.98 13.25
C VAL D 22 18.25 -10.04 14.15
N PRO D 23 16.99 -9.87 14.62
CA PRO D 23 16.27 -10.95 15.29
C PRO D 23 15.71 -11.90 14.24
N LEU D 24 15.83 -13.21 14.45
CA LEU D 24 15.44 -14.20 13.44
C LEU D 24 14.69 -15.34 14.12
N PHE D 25 13.78 -16.00 13.40
CA PHE D 25 13.05 -17.14 13.92
C PHE D 25 13.39 -18.34 13.06
N VAL D 26 13.62 -19.48 13.71
CA VAL D 26 14.19 -20.60 13.01
C VAL D 26 13.43 -21.81 13.52
N GLY D 27 12.99 -22.63 12.58
CA GLY D 27 12.04 -23.67 12.89
C GLY D 27 12.42 -25.02 12.26
N ARG D 28 13.24 -25.03 11.20
CA ARG D 28 13.70 -26.30 10.66
C ARG D 28 14.76 -26.98 11.55
N ASP D 29 14.57 -28.32 11.73
CA ASP D 29 15.32 -29.14 12.67
C ASP D 29 16.81 -29.07 12.37
N LYS D 30 17.20 -29.28 11.10
CA LYS D 30 18.58 -29.16 10.65
C LYS D 30 19.18 -27.78 10.99
N SER D 31 18.35 -26.72 10.96
CA SER D 31 18.89 -25.38 11.17
C SER D 31 19.10 -25.16 12.67
N VAL D 32 18.12 -25.66 13.42
CA VAL D 32 18.14 -25.62 14.87
C VAL D 32 19.36 -26.40 15.40
N ARG D 33 19.70 -27.49 14.72
CA ARG D 33 20.80 -28.34 15.12
C ARG D 33 22.11 -27.59 14.85
N ALA D 34 22.16 -26.87 13.72
CA ALA D 34 23.34 -26.08 13.37
C ALA D 34 23.62 -25.03 14.44
N LEU D 35 22.53 -24.46 14.97
CA LEU D 35 22.53 -23.40 15.96
C LEU D 35 22.97 -23.92 17.33
N GLU D 36 22.39 -25.05 17.78
CA GLU D 36 22.78 -25.62 19.06
C GLU D 36 24.28 -25.92 19.06
N GLU D 37 24.78 -26.40 17.93
CA GLU D 37 26.19 -26.70 17.74
C GLU D 37 27.05 -25.45 17.97
N VAL D 38 26.66 -24.39 17.29
CA VAL D 38 27.39 -23.14 17.39
C VAL D 38 27.36 -22.60 18.81
N MET D 39 26.27 -22.80 19.55
CA MET D 39 26.14 -22.29 20.91
C MET D 39 27.01 -23.04 21.94
N ARG D 40 27.26 -24.33 21.71
CA ARG D 40 28.19 -25.10 22.54
C ARG D 40 29.64 -24.74 22.25
N GLY D 41 29.88 -23.98 21.16
CA GLY D 41 31.21 -23.70 20.63
C GLY D 41 31.52 -22.21 20.66
N ASP D 42 32.14 -21.70 19.58
CA ASP D 42 32.58 -20.32 19.46
C ASP D 42 31.48 -19.34 19.04
N LYS D 43 30.21 -19.80 18.99
CA LYS D 43 29.01 -18.98 18.80
C LYS D 43 28.92 -18.39 17.39
N GLN D 44 29.62 -18.97 16.41
CA GLN D 44 29.71 -18.35 15.10
C GLN D 44 29.16 -19.24 14.01
N ILE D 45 28.48 -18.64 13.00
CA ILE D 45 27.74 -19.41 12.02
C ILE D 45 27.82 -18.70 10.68
N LEU D 46 27.56 -19.46 9.61
CA LEU D 46 27.46 -18.88 8.29
C LEU D 46 25.98 -18.64 7.97
N LEU D 47 25.64 -17.38 7.71
CA LEU D 47 24.32 -17.01 7.21
C LEU D 47 24.44 -17.01 5.69
N VAL D 48 23.51 -17.70 5.01
CA VAL D 48 23.50 -17.58 3.55
C VAL D 48 22.06 -17.76 3.07
N THR D 49 21.73 -17.04 2.01
CA THR D 49 20.37 -16.98 1.50
C THR D 49 20.11 -18.18 0.55
N GLN D 50 18.88 -18.70 0.59
CA GLN D 50 18.40 -19.69 -0.37
C GLN D 50 18.01 -19.02 -1.69
N LYS D 51 18.13 -19.82 -2.77
CA LYS D 51 17.72 -19.34 -4.07
C LYS D 51 16.20 -19.36 -4.15
N ASN D 52 15.58 -20.31 -3.46
CA ASN D 52 14.12 -20.37 -3.46
C ASN D 52 13.67 -20.53 -2.01
N SER D 53 12.87 -19.53 -1.57
CA SER D 53 12.45 -19.43 -0.18
C SER D 53 11.54 -20.57 0.28
N ALA D 54 10.78 -21.17 -0.65
CA ALA D 54 9.90 -22.29 -0.34
C ALA D 54 10.68 -23.58 -0.11
N ASP D 55 11.94 -23.75 -0.56
CA ASP D 55 12.68 -24.98 -0.32
C ASP D 55 12.83 -25.21 1.19
N ASP D 56 12.32 -26.36 1.69
CA ASP D 56 12.57 -26.75 3.06
C ASP D 56 13.89 -27.50 3.18
N ASP D 57 14.31 -28.21 2.14
CA ASP D 57 15.55 -28.97 2.23
C ASP D 57 16.41 -28.61 1.02
N PRO D 58 16.90 -27.34 0.90
CA PRO D 58 17.63 -26.95 -0.30
C PRO D 58 18.89 -27.81 -0.43
N ALA D 59 19.30 -28.05 -1.67
CA ALA D 59 20.57 -28.67 -2.02
C ALA D 59 21.62 -27.58 -2.21
N PRO D 60 22.92 -27.93 -2.26
CA PRO D 60 23.98 -26.94 -2.42
C PRO D 60 23.82 -26.00 -3.62
N GLY D 61 23.33 -26.52 -4.75
CA GLY D 61 22.98 -25.75 -5.94
C GLY D 61 21.82 -24.77 -5.68
N ASP D 62 21.14 -24.93 -4.55
CA ASP D 62 19.92 -24.19 -4.25
C ASP D 62 20.21 -23.11 -3.21
N ILE D 63 21.50 -22.92 -2.91
CA ILE D 63 21.96 -21.94 -1.96
C ILE D 63 22.99 -21.10 -2.68
N PHE D 64 22.94 -19.78 -2.45
CA PHE D 64 23.93 -18.84 -2.97
C PHE D 64 25.30 -19.18 -2.40
N GLU D 65 26.36 -18.59 -2.96
CA GLU D 65 27.72 -19.02 -2.70
C GLU D 65 28.55 -17.93 -2.06
N VAL D 66 27.92 -16.81 -1.72
CA VAL D 66 28.45 -15.78 -0.84
C VAL D 66 27.43 -15.59 0.27
N GLY D 67 27.90 -15.56 1.51
CA GLY D 67 27.06 -15.42 2.68
C GLY D 67 27.76 -14.47 3.66
N VAL D 68 27.39 -14.58 4.93
CA VAL D 68 27.94 -13.69 5.90
C VAL D 68 28.33 -14.50 7.13
N LEU D 69 29.56 -14.30 7.58
CA LEU D 69 29.97 -14.91 8.83
C LEU D 69 29.31 -14.13 9.95
N ALA D 70 28.73 -14.81 10.93
CA ALA D 70 27.99 -14.08 11.94
C ALA D 70 28.17 -14.72 13.31
N THR D 71 27.85 -13.93 14.33
CA THR D 71 27.85 -14.36 15.72
C THR D 71 26.42 -14.41 16.22
N VAL D 72 26.07 -15.55 16.83
CA VAL D 72 24.79 -15.67 17.49
C VAL D 72 24.96 -15.09 18.89
N LEU D 73 24.34 -13.93 19.13
CA LEU D 73 24.42 -13.24 20.40
C LEU D 73 23.53 -13.89 21.44
N GLN D 74 22.38 -14.46 21.04
CA GLN D 74 21.48 -15.05 22.02
C GLN D 74 20.39 -15.91 21.38
N LEU D 75 19.89 -16.92 22.14
CA LEU D 75 19.02 -17.95 21.63
C LEU D 75 17.95 -18.31 22.66
N LEU D 76 16.69 -18.42 22.20
CA LEU D 76 15.59 -18.76 23.08
C LEU D 76 14.55 -19.60 22.35
N LYS D 77 14.36 -20.82 22.86
CA LYS D 77 13.32 -21.70 22.34
C LYS D 77 11.94 -21.22 22.79
N LEU D 78 11.02 -21.04 21.84
CA LEU D 78 9.66 -20.57 22.11
C LEU D 78 8.69 -21.76 22.23
N PRO D 79 7.54 -21.61 22.92
CA PRO D 79 6.62 -22.74 23.14
C PRO D 79 6.15 -23.59 21.96
N ASP D 80 5.99 -23.00 20.78
CA ASP D 80 5.52 -23.73 19.61
C ASP D 80 6.71 -24.39 18.91
N GLY D 81 7.93 -24.27 19.46
CA GLY D 81 9.06 -24.97 18.89
C GLY D 81 9.97 -24.05 18.09
N THR D 82 9.48 -22.86 17.76
CA THR D 82 10.30 -21.93 17.01
C THR D 82 11.46 -21.43 17.89
N VAL D 83 12.64 -21.24 17.32
CA VAL D 83 13.76 -20.71 18.09
C VAL D 83 14.03 -19.25 17.67
N LYS D 84 13.94 -18.33 18.63
CA LYS D 84 14.27 -16.93 18.43
C LYS D 84 15.76 -16.73 18.57
N VAL D 85 16.40 -16.07 17.59
CA VAL D 85 17.80 -15.73 17.82
C VAL D 85 18.06 -14.27 17.47
N LEU D 86 19.06 -13.69 18.14
CA LEU D 86 19.60 -12.42 17.71
C LEU D 86 20.98 -12.67 17.07
N VAL D 87 21.16 -12.30 15.79
CA VAL D 87 22.43 -12.52 15.13
C VAL D 87 23.09 -11.20 14.75
N GLU D 88 24.42 -11.24 14.62
CA GLU D 88 25.19 -10.06 14.26
C GLU D 88 26.07 -10.43 13.05
N GLY D 89 25.82 -9.83 11.90
CA GLY D 89 26.68 -10.19 10.78
C GLY D 89 28.06 -9.54 10.94
N LYS D 90 29.14 -10.27 10.60
CA LYS D 90 30.49 -9.80 10.84
C LYS D 90 31.18 -9.56 9.51
N ALA D 91 31.11 -10.51 8.58
CA ALA D 91 31.92 -10.34 7.38
C ALA D 91 31.38 -11.16 6.21
N ARG D 92 31.48 -10.60 5.01
CA ARG D 92 31.26 -11.35 3.80
C ARG D 92 32.10 -12.62 3.83
N ALA D 93 31.54 -13.73 3.34
CA ALA D 93 32.24 -15.00 3.30
C ALA D 93 31.90 -15.71 1.98
N ALA D 94 32.94 -16.06 1.20
CA ALA D 94 32.78 -16.94 0.04
C ALA D 94 32.66 -18.41 0.48
N VAL D 95 31.71 -19.12 -0.12
CA VAL D 95 31.45 -20.52 0.20
C VAL D 95 32.34 -21.40 -0.71
N VAL D 96 33.19 -22.21 -0.08
CA VAL D 96 34.04 -23.14 -0.85
C VAL D 96 33.22 -24.38 -1.25
N SER D 97 32.52 -24.97 -0.27
CA SER D 97 31.64 -26.11 -0.51
C SER D 97 30.86 -26.38 0.77
N PHE D 98 29.73 -27.12 0.64
CA PHE D 98 28.90 -27.54 1.77
C PHE D 98 29.25 -28.98 2.11
N THR D 99 29.68 -29.25 3.34
CA THR D 99 30.23 -30.55 3.69
C THR D 99 29.09 -31.55 3.90
N ASP D 100 29.47 -32.69 4.52
CA ASP D 100 28.73 -33.95 4.48
C ASP D 100 28.22 -34.29 5.88
N GLN D 101 28.12 -33.27 6.74
CA GLN D 101 27.36 -33.45 7.96
C GLN D 101 25.88 -33.57 7.57
N GLU D 102 25.13 -34.45 8.26
CA GLU D 102 23.71 -34.66 7.98
C GLU D 102 22.87 -34.24 9.17
N SER D 103 23.58 -33.95 10.27
CA SER D 103 22.94 -33.35 11.42
C SER D 103 22.57 -31.90 11.07
N TYR D 104 23.38 -31.26 10.23
CA TYR D 104 23.24 -29.84 9.96
C TYR D 104 24.06 -29.46 8.73
N TYR D 105 23.62 -28.39 8.09
CA TYR D 105 24.35 -27.81 6.98
C TYR D 105 25.69 -27.29 7.50
N GLU D 106 26.71 -27.41 6.67
CA GLU D 106 28.07 -27.07 7.08
C GLU D 106 28.82 -26.62 5.83
N ALA D 107 29.79 -25.71 6.00
CA ALA D 107 30.50 -25.18 4.87
C ALA D 107 31.94 -24.83 5.24
N GLN D 108 32.76 -24.74 4.20
CA GLN D 108 34.09 -24.20 4.29
C GLN D 108 34.00 -22.82 3.65
N ILE D 109 34.62 -21.81 4.29
CA ILE D 109 34.49 -20.43 3.86
C ILE D 109 35.87 -19.78 3.78
N GLY D 110 36.09 -18.99 2.71
CA GLY D 110 37.22 -18.06 2.63
C GLY D 110 36.77 -16.67 3.06
N GLU D 111 37.60 -15.97 3.86
CA GLU D 111 37.24 -14.68 4.39
C GLU D 111 37.30 -13.65 3.27
N VAL D 112 36.58 -12.55 3.49
CA VAL D 112 36.54 -11.39 2.61
C VAL D 112 36.25 -10.17 3.50
N SER D 113 37.03 -9.09 3.32
CA SER D 113 36.59 -7.74 3.66
C SER D 113 36.83 -6.85 2.43
N GLU D 114 38.00 -7.05 1.80
CA GLU D 114 38.25 -6.90 0.36
C GLU D 114 38.48 -5.44 -0.02
N ASP D 115 37.55 -4.84 -0.79
CA ASP D 115 37.70 -3.43 -1.13
C ASP D 115 37.46 -2.61 0.14
N ASP D 116 38.49 -1.83 0.52
CA ASP D 116 38.48 -1.07 1.76
C ASP D 116 37.73 0.26 1.56
N GLY D 117 37.59 0.66 0.29
CA GLY D 117 36.75 1.80 -0.03
C GLY D 117 37.32 3.12 0.51
N ALA D 118 38.65 3.17 0.61
CA ALA D 118 39.30 4.33 1.20
C ALA D 118 39.62 5.42 0.16
N GLY D 119 39.49 5.11 -1.14
CA GLY D 119 39.95 5.96 -2.21
C GLY D 119 39.09 7.22 -2.45
N PRO D 120 39.67 8.21 -3.17
CA PRO D 120 38.90 9.36 -3.67
C PRO D 120 37.56 9.04 -4.33
N GLU D 121 37.57 8.06 -5.23
CA GLU D 121 36.37 7.74 -6.01
C GLU D 121 35.27 7.19 -5.11
N ALA D 122 35.63 6.30 -4.18
CA ALA D 122 34.67 5.77 -3.22
C ALA D 122 34.06 6.90 -2.40
N GLU D 123 34.89 7.82 -1.87
CA GLU D 123 34.46 8.97 -1.09
C GLU D 123 33.49 9.84 -1.90
N ALA D 124 33.83 10.08 -3.16
CA ALA D 124 32.99 10.86 -4.05
C ALA D 124 31.65 10.15 -4.30
N LEU D 125 31.65 8.84 -4.45
CA LEU D 125 30.39 8.14 -4.71
C LEU D 125 29.49 8.12 -3.46
N SER D 126 30.11 8.03 -2.27
CA SER D 126 29.47 8.21 -0.99
C SER D 126 28.58 9.43 -0.98
N ARG D 127 29.15 10.58 -1.32
CA ARG D 127 28.40 11.82 -1.26
C ARG D 127 27.17 11.67 -2.15
N ALA D 128 27.36 11.14 -3.35
CA ALA D 128 26.24 11.12 -4.28
C ALA D 128 25.15 10.17 -3.74
N VAL D 129 25.57 9.07 -3.08
CA VAL D 129 24.65 8.03 -2.67
C VAL D 129 23.81 8.57 -1.49
N VAL D 130 24.49 9.27 -0.57
CA VAL D 130 23.86 10.00 0.51
C VAL D 130 22.81 10.96 -0.07
N GLU D 131 23.18 11.72 -1.07
CA GLU D 131 22.25 12.70 -1.62
C GLU D 131 21.04 11.96 -2.19
N GLN D 132 21.29 10.91 -2.97
CA GLN D 132 20.21 10.09 -3.52
C GLN D 132 19.33 9.48 -2.41
N PHE D 133 19.96 9.00 -1.33
CA PHE D 133 19.25 8.45 -0.18
C PHE D 133 18.28 9.48 0.42
N GLU D 134 18.74 10.73 0.53
CA GLU D 134 17.93 11.83 1.06
C GLU D 134 16.69 12.05 0.20
N ASN D 135 16.79 11.86 -1.13
CA ASN D 135 15.62 11.91 -1.99
C ASN D 135 14.74 10.68 -1.77
N TYR D 136 15.38 9.50 -1.68
CA TYR D 136 14.69 8.24 -1.60
C TYR D 136 13.70 8.26 -0.44
N VAL D 137 14.17 8.73 0.71
CA VAL D 137 13.37 8.61 1.91
C VAL D 137 12.28 9.67 1.98
N LYS D 138 12.24 10.66 1.08
CA LYS D 138 11.03 11.47 0.92
C LYS D 138 9.85 10.59 0.48
N LEU D 139 10.09 9.59 -0.38
CA LEU D 139 9.01 8.76 -0.93
C LEU D 139 8.75 7.56 -0.01
N ASN D 140 9.84 6.83 0.26
CA ASN D 140 9.83 5.74 1.21
C ASN D 140 10.01 6.30 2.61
N LYS D 141 8.89 6.50 3.30
CA LYS D 141 8.89 7.03 4.65
C LYS D 141 8.92 5.87 5.65
N LYS D 142 9.33 4.67 5.20
CA LYS D 142 9.28 3.50 6.06
C LYS D 142 10.62 3.17 6.74
N VAL D 143 11.70 3.89 6.39
CA VAL D 143 12.99 3.65 7.02
C VAL D 143 12.91 4.08 8.48
N PRO D 144 13.27 3.23 9.45
CA PRO D 144 13.22 3.60 10.85
C PRO D 144 14.04 4.86 11.17
N PRO D 145 13.58 5.66 12.15
CA PRO D 145 14.17 6.98 12.40
C PRO D 145 15.64 6.95 12.83
N GLU D 146 16.03 5.92 13.59
CA GLU D 146 17.42 5.74 13.94
C GLU D 146 18.27 5.73 12.68
N ALA D 147 17.85 4.96 11.69
CA ALA D 147 18.65 4.76 10.50
C ALA D 147 18.55 5.99 9.60
N LEU D 148 17.46 6.76 9.69
CA LEU D 148 17.39 8.02 8.95
C LEU D 148 18.48 8.98 9.47
N ALA D 149 18.72 8.97 10.78
CA ALA D 149 19.74 9.74 11.49
C ALA D 149 21.12 9.20 11.18
N SER D 150 21.32 7.88 11.32
CA SER D 150 22.68 7.37 11.35
C SER D 150 23.23 7.14 9.94
N ILE D 151 22.38 6.78 8.98
CA ILE D 151 22.97 6.41 7.68
C ILE D 151 23.74 7.54 7.00
N PRO D 152 23.20 8.79 6.94
CA PRO D 152 23.95 9.90 6.35
C PRO D 152 25.31 10.13 7.00
N GLN D 153 25.57 9.56 8.19
CA GLN D 153 26.82 9.80 8.90
C GLN D 153 27.84 8.69 8.67
N ILE D 154 27.50 7.67 7.88
CA ILE D 154 28.41 6.54 7.80
C ILE D 154 29.65 6.96 7.03
N ALA D 155 30.81 6.76 7.66
CA ALA D 155 32.06 7.31 7.12
C ALA D 155 32.71 6.31 6.13
N GLU D 156 32.58 5.00 6.37
CA GLU D 156 33.15 3.99 5.48
C GLU D 156 32.13 3.67 4.39
N PRO D 157 32.50 4.00 3.13
CA PRO D 157 31.62 3.80 1.97
C PRO D 157 31.02 2.41 1.78
N GLY D 158 31.75 1.37 2.20
CA GLY D 158 31.24 0.03 1.98
C GLY D 158 30.11 -0.25 2.97
N LYS D 159 30.29 0.24 4.21
CA LYS D 159 29.29 0.19 5.27
C LYS D 159 28.06 0.99 4.84
N LEU D 160 28.31 2.12 4.21
CA LEU D 160 27.23 2.97 3.76
C LEU D 160 26.37 2.20 2.75
N ALA D 161 27.04 1.56 1.78
CA ALA D 161 26.34 0.85 0.72
C ALA D 161 25.50 -0.29 1.31
N ASP D 162 26.08 -1.04 2.23
CA ASP D 162 25.41 -2.17 2.85
C ASP D 162 24.22 -1.70 3.70
N SER D 163 24.38 -0.59 4.41
CA SER D 163 23.31 -0.12 5.27
C SER D 163 22.07 0.23 4.45
N ILE D 164 22.30 0.89 3.31
CA ILE D 164 21.24 1.32 2.44
C ILE D 164 20.63 0.08 1.82
N ALA D 165 21.47 -0.85 1.31
CA ALA D 165 21.04 -2.12 0.74
C ALA D 165 20.00 -2.75 1.66
N ALA D 166 20.28 -2.77 2.95
CA ALA D 166 19.35 -3.41 3.88
C ALA D 166 17.97 -2.75 3.90
N HIS D 167 17.87 -1.48 3.47
CA HIS D 167 16.55 -0.85 3.63
C HIS D 167 15.77 -0.79 2.34
N LEU D 168 16.41 -1.20 1.22
CA LEU D 168 15.80 -1.04 -0.08
C LEU D 168 14.64 -2.00 -0.25
N SER D 169 13.59 -1.57 -0.96
CA SER D 169 12.48 -2.44 -1.34
C SER D 169 12.75 -3.07 -2.69
N VAL D 170 13.56 -4.12 -2.66
CA VAL D 170 14.03 -4.73 -3.87
C VAL D 170 13.88 -6.23 -3.69
N LYS D 171 13.88 -6.93 -4.82
CA LYS D 171 13.84 -8.37 -4.85
C LYS D 171 15.09 -8.90 -4.13
N ILE D 172 14.92 -10.07 -3.52
CA ILE D 172 15.98 -10.83 -2.90
C ILE D 172 17.20 -10.96 -3.83
N GLY D 173 16.97 -11.27 -5.09
CA GLY D 173 18.07 -11.36 -6.04
C GLY D 173 18.95 -10.10 -6.05
N ASP D 174 18.32 -8.92 -5.95
CA ASP D 174 19.07 -7.66 -6.01
C ASP D 174 19.85 -7.46 -4.73
N LYS D 175 19.28 -7.85 -3.60
CA LYS D 175 20.03 -7.78 -2.34
C LYS D 175 21.24 -8.72 -2.37
N GLN D 176 21.01 -9.99 -2.79
CA GLN D 176 22.07 -10.98 -2.88
C GLN D 176 23.17 -10.49 -3.83
N ASN D 177 22.77 -9.92 -4.97
CA ASN D 177 23.73 -9.35 -5.89
C ASN D 177 24.61 -8.29 -5.21
N LEU D 178 24.04 -7.45 -4.34
CA LEU D 178 24.84 -6.45 -3.69
C LEU D 178 25.81 -7.09 -2.70
N LEU D 179 25.33 -8.14 -1.98
CA LEU D 179 26.24 -8.86 -1.10
C LEU D 179 27.47 -9.37 -1.90
N GLU D 180 27.25 -9.79 -3.15
CA GLU D 180 28.32 -10.42 -3.95
C GLU D 180 29.23 -9.39 -4.64
N ILE D 181 28.86 -8.10 -4.67
CA ILE D 181 29.77 -7.10 -5.23
C ILE D 181 30.72 -6.70 -4.13
N PHE D 182 31.97 -7.12 -4.28
CA PHE D 182 33.02 -6.89 -3.29
C PHE D 182 33.71 -5.57 -3.58
N ASP D 183 33.57 -5.05 -4.81
CA ASP D 183 34.15 -3.75 -5.07
C ASP D 183 33.25 -2.62 -4.54
N VAL D 184 33.76 -1.79 -3.63
CA VAL D 184 32.93 -0.78 -2.99
C VAL D 184 32.37 0.23 -4.00
N VAL D 185 33.18 0.64 -4.98
CA VAL D 185 32.73 1.61 -5.98
C VAL D 185 31.56 1.01 -6.77
N LYS D 186 31.71 -0.24 -7.20
CA LYS D 186 30.66 -0.88 -7.96
C LYS D 186 29.40 -1.04 -7.11
N ARG D 187 29.61 -1.35 -5.82
CA ARG D 187 28.50 -1.53 -4.89
C ARG D 187 27.74 -0.21 -4.73
N LEU D 188 28.47 0.89 -4.54
CA LEU D 188 27.84 2.20 -4.41
C LEU D 188 27.05 2.54 -5.67
N GLU D 189 27.63 2.27 -6.84
CA GLU D 189 26.98 2.49 -8.13
C GLU D 189 25.66 1.76 -8.22
N LYS D 190 25.66 0.48 -7.80
CA LYS D 190 24.47 -0.33 -7.83
C LYS D 190 23.38 0.19 -6.89
N VAL D 191 23.79 0.55 -5.67
CA VAL D 191 22.82 1.04 -4.70
C VAL D 191 22.19 2.34 -5.22
N PHE D 192 22.99 3.17 -5.88
CA PHE D 192 22.49 4.40 -6.50
C PHE D 192 21.37 4.06 -7.49
N ALA D 193 21.66 3.17 -8.45
CA ALA D 193 20.72 2.78 -9.49
C ALA D 193 19.43 2.20 -8.90
N LEU D 194 19.58 1.31 -7.91
CA LEU D 194 18.45 0.68 -7.27
C LEU D 194 17.53 1.74 -6.65
N MET D 195 18.13 2.79 -6.09
CA MET D 195 17.36 3.84 -5.42
C MET D 195 16.54 4.67 -6.44
N GLU D 196 17.11 4.93 -7.63
CA GLU D 196 16.38 5.56 -8.72
C GLU D 196 15.21 4.69 -9.20
N GLY D 197 15.27 3.38 -8.93
CA GLY D 197 14.30 2.45 -9.47
C GLY D 197 12.99 2.43 -8.68
N GLU D 198 12.83 3.32 -7.69
CA GLU D 198 11.54 3.62 -7.07
C GLU D 198 11.21 5.12 -7.20
N ILE D 199 12.25 5.98 -7.21
CA ILE D 199 12.15 7.42 -7.47
C ILE D 199 11.84 7.65 -8.95
N SER D 200 12.86 7.54 -9.83
CA SER D 200 12.69 7.46 -11.28
C SER D 200 12.22 8.80 -11.85
#